data_6HC1
#
_entry.id   6HC1
#
_cell.length_a   68.750
_cell.length_b   68.750
_cell.length_c   191.000
_cell.angle_alpha   90.000
_cell.angle_beta   90.000
_cell.angle_gamma   120.000
#
_symmetry.space_group_name_H-M   'P 65 2 2'
#
loop_
_entity.id
_entity.type
_entity.pdbx_description
1 polymer 'GGDEF domain protein'
2 polymer 'DgcB N-terminus, phosphorylated'
3 water water
#
loop_
_entity_poly.entity_id
_entity_poly.type
_entity_poly.pdbx_seq_one_letter_code
_entity_poly.pdbx_strand_id
1 'polypeptide(L)'
;MPPAIVVLIGPPGYVGKQYPITASDIVIGRSVESQVYIDDKSLSRSHAKFAVNGSEVSVIDLGSTNKTIVNGQVIPPLAS
CLLKNNDQIKTGNVIFKFLEKGS
;
A,B
2 'polypeptide(L)' LEK(TPO)SIVASDT(NH2) C
#
# COMPACT_ATOMS: atom_id res chain seq x y z
N MET A 1 6.62 -13.92 -20.20
CA MET A 1 6.94 -13.77 -18.75
C MET A 1 6.05 -12.68 -18.13
N PRO A 2 5.73 -12.83 -16.81
CA PRO A 2 5.11 -11.71 -16.13
C PRO A 2 6.01 -10.44 -16.07
N PRO A 3 5.40 -9.31 -15.74
CA PRO A 3 6.19 -8.11 -15.48
C PRO A 3 7.21 -8.29 -14.35
N ALA A 4 8.28 -7.47 -14.38
CA ALA A 4 9.32 -7.51 -13.35
C ALA A 4 9.94 -6.13 -13.12
N ILE A 5 10.63 -6.00 -11.99
CA ILE A 5 11.54 -4.87 -11.79
C ILE A 5 12.99 -5.38 -11.72
N VAL A 6 13.90 -4.61 -12.33
N VAL A 6 13.90 -4.59 -12.29
CA VAL A 6 15.34 -4.93 -12.30
CA VAL A 6 15.37 -4.92 -12.35
CA VAL A 6 15.35 -4.90 -12.31
C VAL A 6 16.12 -3.82 -11.55
C VAL A 6 16.10 -3.82 -11.54
N VAL A 7 17.08 -4.22 -10.71
CA VAL A 7 17.92 -3.25 -10.03
C VAL A 7 18.96 -2.65 -11.00
N LEU A 8 18.75 -1.39 -11.40
CA LEU A 8 19.68 -0.66 -12.28
CA LEU A 8 19.69 -0.66 -12.27
C LEU A 8 20.85 -0.07 -11.48
N ILE A 9 20.51 0.52 -10.31
CA ILE A 9 21.51 1.14 -9.40
C ILE A 9 21.24 0.57 -8.00
N GLY A 10 22.28 -0.01 -7.39
CA GLY A 10 22.16 -0.49 -6.02
C GLY A 10 23.47 -1.02 -5.45
N PRO A 11 23.43 -1.60 -4.25
CA PRO A 11 24.66 -2.22 -3.73
C PRO A 11 25.17 -3.39 -4.58
N PRO A 12 26.46 -3.73 -4.45
CA PRO A 12 27.02 -4.78 -5.29
C PRO A 12 26.30 -6.10 -5.21
N GLY A 13 25.79 -6.52 -4.05
CA GLY A 13 25.07 -7.81 -4.03
C GLY A 13 23.77 -7.89 -4.81
N TYR A 14 23.27 -6.73 -5.25
CA TYR A 14 21.90 -6.61 -5.73
C TYR A 14 21.78 -6.07 -7.16
N VAL A 15 22.80 -5.34 -7.64
CA VAL A 15 22.73 -4.76 -8.97
C VAL A 15 22.50 -5.86 -10.03
N GLY A 16 21.55 -5.60 -10.92
CA GLY A 16 21.14 -6.57 -11.96
C GLY A 16 20.13 -7.65 -11.59
N LYS A 17 19.82 -7.79 -10.31
CA LYS A 17 18.80 -8.78 -9.87
C LYS A 17 17.40 -8.34 -10.38
N GLN A 18 16.60 -9.34 -10.74
CA GLN A 18 15.22 -9.15 -11.24
C GLN A 18 14.22 -9.80 -10.28
N TYR A 19 13.10 -9.10 -10.04
CA TYR A 19 12.02 -9.55 -9.15
C TYR A 19 10.69 -9.53 -9.90
N PRO A 20 10.03 -10.70 -10.08
CA PRO A 20 8.75 -10.70 -10.78
C PRO A 20 7.63 -10.03 -9.96
N ILE A 21 6.78 -9.24 -10.63
CA ILE A 21 5.67 -8.57 -9.94
C ILE A 21 4.38 -9.25 -10.44
N THR A 22 4.01 -10.31 -9.75
CA THR A 22 2.91 -11.19 -10.20
C THR A 22 1.54 -11.00 -9.54
N ALA A 23 1.50 -10.26 -8.44
CA ALA A 23 0.29 -10.11 -7.62
C ALA A 23 0.39 -8.88 -6.74
N SER A 24 -0.75 -8.39 -6.28
CA SER A 24 -0.77 -7.33 -5.27
C SER A 24 -0.09 -7.77 -3.99
N ASP A 25 0.31 -6.75 -3.20
CA ASP A 25 0.78 -6.95 -1.78
C ASP A 25 2.27 -7.33 -1.71
N ILE A 26 3.00 -7.17 -2.84
CA ILE A 26 4.46 -7.29 -2.86
C ILE A 26 5.09 -5.98 -2.35
N VAL A 27 5.91 -6.08 -1.27
CA VAL A 27 6.51 -4.91 -0.60
C VAL A 27 8.02 -4.84 -0.87
N ILE A 28 8.51 -3.65 -1.22
CA ILE A 28 9.94 -3.29 -1.29
C ILE A 28 10.34 -2.73 0.09
N GLY A 29 11.38 -3.29 0.70
CA GLY A 29 11.87 -2.76 1.97
C GLY A 29 13.12 -3.44 2.48
N ARG A 30 13.68 -2.87 3.55
CA ARG A 30 14.88 -3.41 4.20
C ARG A 30 14.50 -4.32 5.36
N SER A 31 13.21 -4.42 5.71
CA SER A 31 12.77 -5.49 6.61
C SER A 31 12.87 -6.87 5.90
N VAL A 32 13.34 -7.88 6.62
CA VAL A 32 13.39 -9.25 6.07
C VAL A 32 12.02 -9.85 5.69
N GLU A 33 10.91 -9.33 6.25
CA GLU A 33 9.54 -9.69 5.83
C GLU A 33 9.18 -9.23 4.35
N SER A 34 9.95 -8.29 3.78
CA SER A 34 9.68 -7.77 2.43
C SER A 34 9.93 -8.84 1.34
N GLN A 35 9.05 -8.87 0.33
CA GLN A 35 9.25 -9.76 -0.81
CA GLN A 35 9.26 -9.78 -0.80
C GLN A 35 10.41 -9.29 -1.70
N VAL A 36 10.59 -7.98 -1.80
CA VAL A 36 11.75 -7.38 -2.50
C VAL A 36 12.63 -6.75 -1.41
N TYR A 37 13.55 -7.57 -0.89
CA TYR A 37 14.44 -7.20 0.21
C TYR A 37 15.77 -6.68 -0.35
N ILE A 38 16.15 -5.44 -0.05
CA ILE A 38 17.48 -4.88 -0.41
C ILE A 38 18.12 -4.34 0.87
N ASP A 39 19.34 -4.79 1.19
CA ASP A 39 20.07 -4.29 2.35
C ASP A 39 20.83 -3.00 2.00
N ASP A 40 20.11 -1.89 2.07
CA ASP A 40 20.66 -0.53 1.81
C ASP A 40 20.01 0.36 2.88
N LYS A 41 20.85 1.05 3.66
CA LYS A 41 20.36 1.86 4.81
C LYS A 41 19.45 3.04 4.41
N SER A 42 19.51 3.47 3.15
CA SER A 42 18.65 4.56 2.66
C SER A 42 17.24 4.09 2.26
N LEU A 43 17.05 2.77 2.15
CA LEU A 43 15.73 2.17 1.85
C LEU A 43 14.95 1.99 3.18
N SER A 44 13.71 2.41 3.20
CA SER A 44 12.89 2.28 4.44
C SER A 44 12.57 0.80 4.72
N ARG A 45 12.37 0.49 6.02
CA ARG A 45 12.02 -0.85 6.45
C ARG A 45 10.77 -1.40 5.68
N SER A 46 9.75 -0.56 5.53
CA SER A 46 8.66 -0.79 4.54
C SER A 46 8.56 0.48 3.67
N HIS A 47 9.00 0.36 2.42
CA HIS A 47 9.25 1.55 1.56
C HIS A 47 8.07 1.86 0.60
N ALA A 48 7.72 0.84 -0.19
CA ALA A 48 6.68 0.97 -1.23
C ALA A 48 6.07 -0.42 -1.46
N LYS A 49 4.90 -0.47 -2.11
CA LYS A 49 4.28 -1.78 -2.45
C LYS A 49 3.58 -1.71 -3.78
N PHE A 50 3.19 -2.88 -4.29
CA PHE A 50 2.52 -2.96 -5.62
C PHE A 50 1.04 -3.37 -5.48
N ALA A 51 0.24 -2.86 -6.46
CA ALA A 51 -1.12 -3.36 -6.72
C ALA A 51 -1.13 -3.84 -8.18
N VAL A 52 -1.73 -5.04 -8.38
CA VAL A 52 -1.83 -5.65 -9.71
C VAL A 52 -3.28 -5.98 -10.03
N ASN A 53 -3.75 -5.57 -11.22
CA ASN A 53 -5.12 -5.90 -11.71
C ASN A 53 -5.01 -6.15 -13.21
N GLY A 54 -4.91 -7.43 -13.57
CA GLY A 54 -4.68 -7.81 -14.99
C GLY A 54 -3.38 -7.22 -15.54
N SER A 55 -3.44 -6.41 -16.60
CA SER A 55 -2.27 -5.78 -17.16
C SER A 55 -1.82 -4.52 -16.45
N GLU A 56 -2.59 -4.02 -15.47
CA GLU A 56 -2.22 -2.79 -14.73
C GLU A 56 -1.37 -3.13 -13.48
N VAL A 57 -0.18 -2.54 -13.41
CA VAL A 57 0.70 -2.63 -12.20
C VAL A 57 0.96 -1.20 -11.73
N SER A 58 0.66 -0.94 -10.46
CA SER A 58 0.90 0.40 -9.82
C SER A 58 1.79 0.25 -8.59
N VAL A 59 2.59 1.30 -8.35
CA VAL A 59 3.41 1.41 -7.11
C VAL A 59 2.77 2.45 -6.18
N ILE A 60 2.81 2.13 -4.87
CA ILE A 60 2.20 2.92 -3.77
C ILE A 60 3.34 3.25 -2.74
N ASP A 61 3.52 4.56 -2.42
CA ASP A 61 4.50 4.94 -1.38
C ASP A 61 3.93 4.67 0.02
N LEU A 62 4.74 4.10 0.93
CA LEU A 62 4.29 3.76 2.29
C LEU A 62 4.81 4.73 3.37
N GLY A 63 4.97 5.99 3.03
CA GLY A 63 5.51 6.95 4.01
C GLY A 63 7.01 6.89 4.18
N SER A 64 7.72 6.56 3.11
CA SER A 64 9.17 6.39 3.14
C SER A 64 9.95 7.66 3.48
N THR A 65 11.08 7.49 4.18
CA THR A 65 11.94 8.61 4.57
C THR A 65 12.49 9.37 3.34
N ASN A 66 13.03 8.60 2.38
CA ASN A 66 13.68 9.20 1.20
C ASN A 66 12.82 9.26 -0.06
N LYS A 67 11.53 8.92 0.08
CA LYS A 67 10.50 9.08 -0.97
C LYS A 67 10.52 7.97 -2.00
N THR A 68 9.42 7.85 -2.74
CA THR A 68 9.34 7.03 -3.98
C THR A 68 9.16 8.00 -5.14
N ILE A 69 10.06 7.92 -6.11
CA ILE A 69 10.08 8.85 -7.26
C ILE A 69 10.00 8.05 -8.57
N VAL A 70 9.00 8.35 -9.42
CA VAL A 70 8.84 7.67 -10.72
C VAL A 70 9.12 8.68 -11.84
N ASN A 71 10.19 8.43 -12.64
CA ASN A 71 10.59 9.34 -13.73
C ASN A 71 10.63 10.84 -13.30
N GLY A 72 11.23 11.06 -12.15
CA GLY A 72 11.41 12.45 -11.65
C GLY A 72 10.24 13.09 -10.89
N GLN A 73 9.10 12.39 -10.77
CA GLN A 73 7.93 12.82 -10.00
C GLN A 73 7.85 12.08 -8.65
N VAL A 74 7.78 12.82 -7.56
CA VAL A 74 7.53 12.25 -6.23
CA VAL A 74 7.53 12.27 -6.23
C VAL A 74 6.08 11.72 -6.14
N ILE A 75 5.93 10.52 -5.58
CA ILE A 75 4.62 9.89 -5.25
C ILE A 75 4.44 10.08 -3.73
N PRO A 76 3.59 11.00 -3.30
CA PRO A 76 3.51 11.26 -1.84
C PRO A 76 2.94 10.07 -1.05
N PRO A 77 3.05 10.11 0.28
CA PRO A 77 2.59 8.94 1.06
C PRO A 77 1.15 8.55 0.77
N LEU A 78 0.97 7.24 0.53
CA LEU A 78 -0.30 6.58 0.25
C LEU A 78 -0.92 6.94 -1.13
N ALA A 79 -0.21 7.74 -1.94
CA ALA A 79 -0.57 7.97 -3.34
C ALA A 79 0.07 6.86 -4.18
N SER A 80 -0.30 6.79 -5.45
CA SER A 80 0.13 5.74 -6.37
C SER A 80 0.43 6.26 -7.76
N CYS A 81 1.12 5.42 -8.53
CA CYS A 81 1.49 5.66 -9.94
C CYS A 81 1.29 4.38 -10.74
N LEU A 82 0.49 4.47 -11.81
CA LEU A 82 0.35 3.39 -12.81
C LEU A 82 1.64 3.34 -13.67
N LEU A 83 2.29 2.17 -13.71
CA LEU A 83 3.59 2.02 -14.40
C LEU A 83 3.44 1.61 -15.88
N LYS A 84 4.45 1.97 -16.66
CA LYS A 84 4.59 1.49 -18.03
C LYS A 84 6.01 1.09 -18.32
N ASN A 85 6.21 0.33 -19.39
CA ASN A 85 7.49 -0.27 -19.73
C ASN A 85 8.59 0.80 -19.73
N ASN A 86 9.72 0.46 -19.10
CA ASN A 86 10.94 1.28 -19.01
C ASN A 86 10.87 2.43 -17.97
N ASP A 87 9.77 2.55 -17.22
CA ASP A 87 9.73 3.57 -16.15
C ASP A 87 10.84 3.26 -15.10
N GLN A 88 11.42 4.32 -14.54
CA GLN A 88 12.40 4.18 -13.42
C GLN A 88 11.74 4.59 -12.08
N ILE A 89 12.02 3.82 -11.06
CA ILE A 89 11.46 3.98 -9.72
C ILE A 89 12.68 4.13 -8.77
N LYS A 90 12.85 5.34 -8.21
CA LYS A 90 13.94 5.65 -7.26
C LYS A 90 13.44 5.63 -5.81
N THR A 91 14.04 4.74 -5.00
CA THR A 91 13.68 4.52 -3.62
C THR A 91 15.00 4.69 -2.78
N GLY A 92 15.23 5.89 -2.27
CA GLY A 92 16.56 6.18 -1.68
C GLY A 92 17.66 6.14 -2.71
N ASN A 93 18.78 5.44 -2.37
CA ASN A 93 19.91 5.30 -3.31
C ASN A 93 19.79 4.04 -4.22
N VAL A 94 18.61 3.40 -4.25
CA VAL A 94 18.33 2.27 -5.16
C VAL A 94 17.42 2.76 -6.29
N ILE A 95 17.71 2.37 -7.54
CA ILE A 95 16.85 2.70 -8.69
C ILE A 95 16.53 1.38 -9.42
N PHE A 96 15.21 1.16 -9.59
CA PHE A 96 14.65 0.03 -10.33
C PHE A 96 14.16 0.48 -11.72
N LYS A 97 14.21 -0.44 -12.68
CA LYS A 97 13.56 -0.27 -14.00
C LYS A 97 12.40 -1.27 -14.07
N PHE A 98 11.23 -0.78 -14.47
CA PHE A 98 10.05 -1.65 -14.69
C PHE A 98 9.99 -2.20 -16.11
N LEU A 99 9.84 -3.53 -16.22
CA LEU A 99 9.76 -4.23 -17.52
C LEU A 99 8.38 -4.88 -17.66
N GLU A 100 7.64 -4.50 -18.68
CA GLU A 100 6.32 -5.14 -18.95
C GLU A 100 6.43 -6.68 -19.17
N LYS A 101 7.54 -7.16 -19.78
CA LYS A 101 7.93 -8.60 -19.74
C LYS A 101 9.37 -8.75 -19.18
N GLY A 102 9.52 -9.47 -18.09
CA GLY A 102 10.85 -9.76 -17.54
C GLY A 102 11.67 -10.74 -18.35
N SER A 103 12.99 -10.62 -18.26
CA SER A 103 13.94 -11.53 -18.94
C SER A 103 14.08 -12.82 -18.15
N MET B 1 -22.17 13.94 15.52
CA MET B 1 -20.85 13.23 15.51
C MET B 1 -20.27 13.20 14.10
N PRO B 2 -18.93 13.16 13.97
CA PRO B 2 -18.40 12.84 12.62
C PRO B 2 -18.74 11.42 12.16
N PRO B 3 -18.54 11.12 10.87
CA PRO B 3 -18.67 9.73 10.41
C PRO B 3 -17.73 8.78 11.14
N ALA B 4 -18.08 7.49 11.18
CA ALA B 4 -17.27 6.47 11.90
C ALA B 4 -17.47 5.09 11.32
N ILE B 5 -16.57 4.18 11.63
CA ILE B 5 -16.76 2.75 11.35
C ILE B 5 -16.79 1.99 12.68
N VAL B 6 -17.65 0.98 12.78
CA VAL B 6 -17.79 0.11 13.95
C VAL B 6 -17.49 -1.35 13.59
N VAL B 7 -16.73 -2.05 14.43
CA VAL B 7 -16.43 -3.47 14.20
C VAL B 7 -17.67 -4.36 14.49
N LEU B 8 -18.19 -4.98 13.45
CA LEU B 8 -19.28 -6.00 13.59
C LEU B 8 -18.71 -7.38 13.90
N ILE B 9 -17.66 -7.75 13.17
CA ILE B 9 -17.01 -9.07 13.23
C ILE B 9 -15.50 -8.83 13.32
N GLY B 10 -14.83 -9.42 14.32
CA GLY B 10 -13.37 -9.25 14.48
C GLY B 10 -12.80 -10.16 15.56
N PRO B 11 -11.48 -10.05 15.81
CA PRO B 11 -10.89 -10.88 16.87
C PRO B 11 -11.43 -10.51 18.25
N PRO B 12 -11.29 -11.42 19.23
CA PRO B 12 -11.71 -11.11 20.60
C PRO B 12 -11.11 -9.78 21.10
N GLY B 13 -11.97 -8.94 21.64
CA GLY B 13 -11.52 -7.63 22.10
C GLY B 13 -11.85 -6.47 21.16
N TYR B 14 -12.12 -6.77 19.88
CA TYR B 14 -12.41 -5.72 18.94
C TYR B 14 -13.89 -5.49 18.63
N VAL B 15 -14.76 -6.46 18.89
CA VAL B 15 -16.16 -6.30 18.47
C VAL B 15 -16.77 -5.09 19.19
N GLY B 16 -17.44 -4.21 18.43
CA GLY B 16 -18.02 -2.99 18.96
C GLY B 16 -17.11 -1.77 19.11
N LYS B 17 -15.82 -1.91 18.83
CA LYS B 17 -14.90 -0.75 18.79
C LYS B 17 -15.30 0.19 17.62
N GLN B 18 -15.25 1.50 17.88
CA GLN B 18 -15.63 2.54 16.92
C GLN B 18 -14.40 3.43 16.63
N TYR B 19 -14.20 3.76 15.35
CA TYR B 19 -13.09 4.59 14.87
C TYR B 19 -13.67 5.76 14.05
N PRO B 20 -13.47 7.02 14.51
CA PRO B 20 -13.96 8.17 13.71
C PRO B 20 -13.19 8.35 12.39
N ILE B 21 -13.91 8.71 11.33
CA ILE B 21 -13.30 8.97 10.01
C ILE B 21 -13.40 10.49 9.78
N THR B 22 -12.40 11.19 10.29
CA THR B 22 -12.36 12.65 10.35
C THR B 22 -11.46 13.34 9.34
N ALA B 23 -10.66 12.57 8.61
CA ALA B 23 -9.75 13.10 7.59
C ALA B 23 -9.38 12.04 6.59
N SER B 24 -8.92 12.47 5.42
CA SER B 24 -8.36 11.56 4.44
C SER B 24 -7.08 10.90 4.99
N ASP B 25 -6.75 9.73 4.44
CA ASP B 25 -5.51 8.98 4.70
C ASP B 25 -5.43 8.24 6.06
N ILE B 26 -6.62 8.00 6.63
CA ILE B 26 -6.79 7.02 7.73
C ILE B 26 -6.71 5.60 7.16
N VAL B 27 -5.79 4.79 7.71
CA VAL B 27 -5.47 3.47 7.17
C VAL B 27 -5.96 2.36 8.13
N ILE B 28 -6.61 1.33 7.54
CA ILE B 28 -6.87 0.04 8.17
C ILE B 28 -5.70 -0.91 7.86
N GLY B 29 -5.10 -1.50 8.89
CA GLY B 29 -4.06 -2.48 8.66
C GLY B 29 -3.56 -3.18 9.89
N ARG B 30 -2.71 -4.20 9.69
CA ARG B 30 -2.10 -4.93 10.81
C ARG B 30 -0.75 -4.32 11.25
N SER B 31 -0.26 -3.32 10.53
CA SER B 31 0.88 -2.54 11.03
C SER B 31 0.45 -1.65 12.20
N VAL B 32 1.29 -1.59 13.24
CA VAL B 32 1.04 -0.67 14.39
C VAL B 32 0.97 0.83 14.03
N GLU B 33 1.55 1.23 12.89
CA GLU B 33 1.43 2.61 12.36
C GLU B 33 0.00 2.95 11.87
N SER B 34 -0.86 1.95 11.65
CA SER B 34 -2.24 2.19 11.15
C SER B 34 -3.10 2.91 12.19
N GLN B 35 -3.89 3.89 11.76
CA GLN B 35 -4.85 4.55 12.65
C GLN B 35 -5.96 3.62 13.12
N VAL B 36 -6.33 2.65 12.26
CA VAL B 36 -7.26 1.56 12.60
C VAL B 36 -6.40 0.28 12.55
N TYR B 37 -5.73 0.03 13.67
CA TYR B 37 -4.82 -1.10 13.84
C TYR B 37 -5.56 -2.30 14.42
N ILE B 38 -5.62 -3.39 13.65
CA ILE B 38 -6.26 -4.64 14.09
C ILE B 38 -5.21 -5.73 13.95
N ASP B 39 -4.88 -6.41 15.06
CA ASP B 39 -3.88 -7.51 15.03
C ASP B 39 -4.54 -8.81 14.55
N ASP B 40 -4.64 -8.95 13.24
CA ASP B 40 -5.31 -10.08 12.59
C ASP B 40 -4.48 -10.40 11.32
N LYS B 41 -4.00 -11.65 11.25
CA LYS B 41 -3.13 -12.11 10.16
C LYS B 41 -3.78 -12.04 8.76
N SER B 42 -5.11 -12.00 8.68
CA SER B 42 -5.82 -11.86 7.40
C SER B 42 -5.80 -10.44 6.80
N LEU B 43 -5.41 -9.44 7.60
CA LEU B 43 -5.18 -8.09 7.10
C LEU B 43 -3.75 -7.91 6.57
N SER B 44 -3.64 -7.18 5.46
CA SER B 44 -2.36 -6.63 5.02
C SER B 44 -1.83 -5.60 6.03
N ARG B 45 -0.50 -5.38 6.00
CA ARG B 45 0.12 -4.38 6.89
C ARG B 45 -0.50 -2.98 6.69
N SER B 46 -0.70 -2.59 5.42
CA SER B 46 -1.51 -1.41 5.02
C SER B 46 -2.53 -1.94 4.00
N HIS B 47 -3.78 -2.05 4.45
CA HIS B 47 -4.83 -2.82 3.71
C HIS B 47 -5.76 -1.92 2.89
N ALA B 48 -6.30 -0.87 3.52
CA ALA B 48 -7.22 0.07 2.87
C ALA B 48 -7.09 1.46 3.54
N LYS B 49 -7.53 2.51 2.84
CA LYS B 49 -7.57 3.86 3.42
C LYS B 49 -8.90 4.55 3.08
N PHE B 50 -9.16 5.64 3.81
CA PHE B 50 -10.31 6.50 3.54
C PHE B 50 -9.95 7.81 2.85
N ALA B 51 -10.89 8.36 2.08
CA ALA B 51 -10.80 9.71 1.50
C ALA B 51 -12.05 10.46 1.96
N VAL B 52 -11.86 11.72 2.36
CA VAL B 52 -12.97 12.58 2.76
C VAL B 52 -13.00 13.81 1.86
N ASN B 53 -14.15 14.08 1.26
CA ASN B 53 -14.35 15.27 0.40
C ASN B 53 -15.69 15.93 0.79
N GLY B 54 -15.63 16.90 1.69
CA GLY B 54 -16.81 17.41 2.39
C GLY B 54 -17.51 16.30 3.17
N SER B 55 -18.80 16.12 2.90
CA SER B 55 -19.58 15.05 3.52
C SER B 55 -19.46 13.70 2.81
N GLU B 56 -18.78 13.65 1.64
CA GLU B 56 -18.62 12.40 0.89
C GLU B 56 -17.38 11.61 1.34
N VAL B 57 -17.60 10.40 1.84
CA VAL B 57 -16.52 9.50 2.32
C VAL B 57 -16.41 8.30 1.40
N SER B 58 -15.17 8.00 0.96
CA SER B 58 -14.86 6.83 0.15
C SER B 58 -13.82 5.92 0.82
N VAL B 59 -13.82 4.65 0.43
CA VAL B 59 -12.78 3.70 0.83
C VAL B 59 -12.00 3.20 -0.39
N ILE B 60 -10.70 2.97 -0.22
CA ILE B 60 -9.76 2.61 -1.28
C ILE B 60 -8.88 1.43 -0.85
N ASP B 61 -8.87 0.33 -1.58
CA ASP B 61 -7.95 -0.80 -1.34
C ASP B 61 -6.53 -0.42 -1.76
N LEU B 62 -5.56 -0.81 -0.88
CA LEU B 62 -4.13 -0.45 -1.08
C LEU B 62 -3.32 -1.66 -1.60
N GLY B 63 -3.90 -2.43 -2.53
CA GLY B 63 -3.18 -3.64 -3.00
C GLY B 63 -3.07 -4.77 -1.95
N SER B 64 -4.19 -5.02 -1.27
CA SER B 64 -4.27 -6.12 -0.31
C SER B 64 -4.34 -7.52 -0.92
N THR B 65 -3.88 -8.53 -0.20
CA THR B 65 -4.08 -9.92 -0.60
C THR B 65 -5.56 -10.36 -0.50
N ASN B 66 -6.18 -10.08 0.64
CA ASN B 66 -7.54 -10.60 0.90
C ASN B 66 -8.72 -9.69 0.51
N LYS B 67 -8.40 -8.58 -0.16
CA LYS B 67 -9.35 -7.68 -0.82
CA LYS B 67 -9.35 -7.67 -0.81
C LYS B 67 -10.10 -6.75 0.17
N THR B 68 -10.66 -5.68 -0.41
CA THR B 68 -11.62 -4.82 0.28
C THR B 68 -12.97 -4.99 -0.44
N ILE B 69 -14.00 -5.39 0.32
CA ILE B 69 -15.30 -5.85 -0.22
C ILE B 69 -16.41 -5.02 0.44
N VAL B 70 -17.18 -4.26 -0.36
CA VAL B 70 -18.23 -3.36 0.13
C VAL B 70 -19.61 -3.92 -0.25
N ASN B 71 -20.42 -4.27 0.75
CA ASN B 71 -21.74 -4.92 0.53
C ASN B 71 -21.64 -6.13 -0.43
N GLY B 72 -20.60 -6.93 -0.24
CA GLY B 72 -20.42 -8.14 -1.07
C GLY B 72 -19.78 -7.96 -2.48
N GLN B 73 -19.42 -6.73 -2.83
CA GLN B 73 -18.73 -6.38 -4.12
C GLN B 73 -17.25 -6.10 -3.88
N VAL B 74 -16.37 -6.83 -4.55
CA VAL B 74 -14.90 -6.56 -4.49
C VAL B 74 -14.63 -5.22 -5.16
N ILE B 75 -13.86 -4.36 -4.51
CA ILE B 75 -13.44 -3.05 -5.06
CA ILE B 75 -13.49 -3.08 -5.13
C ILE B 75 -12.11 -3.24 -5.82
N PRO B 76 -12.03 -2.86 -7.10
CA PRO B 76 -10.73 -2.90 -7.80
C PRO B 76 -9.63 -2.14 -7.01
N PRO B 77 -8.44 -2.70 -6.93
CA PRO B 77 -7.39 -2.00 -6.18
C PRO B 77 -7.18 -0.55 -6.65
N LEU B 78 -7.00 0.34 -5.69
CA LEU B 78 -6.75 1.75 -5.90
C LEU B 78 -7.93 2.56 -6.49
N ALA B 79 -9.10 1.92 -6.70
CA ALA B 79 -10.31 2.69 -7.08
C ALA B 79 -11.00 3.19 -5.78
N SER B 80 -11.66 4.36 -5.87
CA SER B 80 -12.45 4.87 -4.75
C SER B 80 -13.88 4.32 -4.79
N CYS B 81 -14.39 3.84 -3.66
CA CYS B 81 -15.79 3.37 -3.52
C CYS B 81 -16.53 4.32 -2.59
N LEU B 82 -17.56 4.99 -3.12
CA LEU B 82 -18.40 5.92 -2.31
C LEU B 82 -19.23 5.14 -1.26
N LEU B 83 -19.19 5.61 -0.01
CA LEU B 83 -19.93 5.00 1.11
C LEU B 83 -21.20 5.79 1.47
N LYS B 84 -22.20 5.06 1.94
CA LYS B 84 -23.42 5.62 2.53
C LYS B 84 -23.74 4.90 3.85
N ASN B 85 -24.57 5.54 4.65
CA ASN B 85 -24.90 5.06 6.00
C ASN B 85 -25.33 3.57 5.96
N ASN B 86 -24.78 2.79 6.87
CA ASN B 86 -25.07 1.34 7.05
C ASN B 86 -24.37 0.40 6.05
N ASP B 87 -23.53 0.95 5.14
CA ASP B 87 -22.73 0.06 4.28
C ASP B 87 -21.79 -0.80 5.14
N GLN B 88 -21.50 -2.02 4.65
CA GLN B 88 -20.50 -2.93 5.29
C GLN B 88 -19.20 -2.97 4.48
N ILE B 89 -18.06 -2.95 5.18
CA ILE B 89 -16.74 -3.01 4.58
C ILE B 89 -16.03 -4.25 5.16
N LYS B 90 -15.69 -5.23 4.32
CA LYS B 90 -14.93 -6.44 4.73
C LYS B 90 -13.49 -6.36 4.25
N THR B 91 -12.57 -6.46 5.22
CA THR B 91 -11.12 -6.49 4.96
C THR B 91 -10.55 -7.78 5.59
N GLY B 92 -10.34 -8.80 4.77
CA GLY B 92 -10.03 -10.13 5.29
C GLY B 92 -11.18 -10.66 6.16
N ASN B 93 -10.87 -11.16 7.36
CA ASN B 93 -11.88 -11.70 8.26
C ASN B 93 -12.53 -10.66 9.18
N VAL B 94 -12.19 -9.37 9.01
CA VAL B 94 -12.79 -8.29 9.84
C VAL B 94 -13.88 -7.57 8.99
N ILE B 95 -15.07 -7.36 9.60
CA ILE B 95 -16.18 -6.67 8.93
C ILE B 95 -16.62 -5.46 9.78
N PHE B 96 -16.61 -4.29 9.15
CA PHE B 96 -17.02 -3.01 9.72
C PHE B 96 -18.39 -2.58 9.15
N LYS B 97 -19.13 -1.79 9.94
CA LYS B 97 -20.29 -1.02 9.47
C LYS B 97 -19.93 0.49 9.46
N PHE B 98 -20.22 1.17 8.36
CA PHE B 98 -20.04 2.64 8.21
C PHE B 98 -21.28 3.40 8.69
N LEU B 99 -21.04 4.40 9.56
CA LEU B 99 -22.10 5.23 10.15
C LEU B 99 -21.89 6.68 9.71
N GLU B 100 -22.85 7.27 9.00
CA GLU B 100 -22.66 8.67 8.53
C GLU B 100 -22.59 9.67 9.71
N LYS B 101 -23.30 9.36 10.82
CA LYS B 101 -23.04 9.95 12.17
C LYS B 101 -22.72 8.85 13.23
N GLY B 102 -21.51 8.89 13.78
CA GLY B 102 -21.01 7.91 14.77
C GLY B 102 -22.01 7.22 15.68
N LEU C 1 15.62 -3.39 13.93
CA LEU C 1 16.47 -2.98 12.76
C LEU C 1 16.69 -1.45 12.76
N GLU C 2 17.76 -0.97 12.12
CA GLU C 2 18.21 0.38 12.37
C GLU C 2 17.35 1.43 11.59
N LYS C 3 17.39 2.65 12.10
CA LYS C 3 16.73 3.80 11.50
C LYS C 3 17.28 4.09 10.08
N SER C 5 18.71 5.94 6.88
CA SER C 5 19.58 7.12 6.64
C SER C 5 18.81 8.17 5.78
N ILE C 6 19.35 9.37 5.72
CA ILE C 6 18.74 10.50 4.99
C ILE C 6 19.65 10.83 3.81
N VAL C 7 19.10 10.88 2.60
CA VAL C 7 19.89 11.22 1.43
C VAL C 7 20.20 12.74 1.37
N ALA C 8 21.18 13.13 0.53
CA ALA C 8 21.54 14.54 0.37
C ALA C 8 20.34 15.40 -0.02
N SER C 9 20.29 16.62 0.52
CA SER C 9 19.24 17.60 0.27
C SER C 9 19.19 18.19 -1.15
N ASP C 10 20.29 18.07 -1.89
CA ASP C 10 20.39 18.62 -3.25
C ASP C 10 20.16 17.60 -4.36
N THR C 11 19.63 16.43 -3.97
CA THR C 11 19.44 15.30 -4.87
C THR C 11 18.32 15.71 -5.83
#